data_2PZ0
#
_entry.id   2PZ0
#
_cell.length_a   49.401
_cell.length_b   53.608
_cell.length_c   110.885
_cell.angle_alpha   90.00
_cell.angle_beta   97.91
_cell.angle_gamma   90.00
#
_symmetry.space_group_name_H-M   'P 1 21 1'
#
loop_
_entity.id
_entity.type
_entity.pdbx_description
1 polymer 'Glycerophosphoryl diester phosphodiesterase'
2 non-polymer 'CALCIUM ION'
3 non-polymer GLYCEROL
4 water water
#
_entity_poly.entity_id   1
_entity_poly.type   'polypeptide(L)'
_entity_poly.pdbx_seq_one_letter_code
;MSHHHHHHSMKTLVIAHRGDSKNVPENTIAAFKRAMELGADGIELDVQLTKDGHLVVIHDETVDRTTNGEGFVKDFTLEE
IKKLDAGIKFGEKFAGERIPTLYEVFELIGDKDFLVNIEIKSGIVLYPGIEEKLIKAIKEYNFEERVIISSFNHYSLRDV
KKMAPHLKIGLLYQCGLVEPWHMALRMEAYSLHPFYFNIIPELVEGCKKNGVKLFPWTVDRKEDMERMIKAGVDGIITDD
PETLINLVRKGG
;
_entity_poly.pdbx_strand_id   A,B
#
# COMPACT_ATOMS: atom_id res chain seq x y z
N LYS A 11 -29.52 3.75 -1.35
CA LYS A 11 -28.64 4.59 -2.22
C LYS A 11 -27.17 4.22 -2.10
N THR A 12 -26.87 3.21 -1.27
CA THR A 12 -25.50 2.73 -1.11
C THR A 12 -25.34 1.55 -2.07
N LEU A 13 -24.47 1.72 -3.05
CA LEU A 13 -24.22 0.69 -4.07
C LEU A 13 -23.47 -0.53 -3.52
N VAL A 14 -23.96 -1.72 -3.86
CA VAL A 14 -23.33 -2.96 -3.43
C VAL A 14 -22.46 -3.48 -4.57
N ILE A 15 -21.15 -3.36 -4.40
CA ILE A 15 -20.19 -3.81 -5.41
C ILE A 15 -19.52 -5.10 -4.95
N ALA A 16 -19.82 -6.19 -5.66
CA ALA A 16 -19.28 -7.50 -5.32
C ALA A 16 -17.82 -7.65 -5.74
N HIS A 17 -16.95 -7.72 -4.75
CA HIS A 17 -15.50 -7.82 -4.97
C HIS A 17 -15.12 -9.18 -5.57
N ARG A 18 -14.78 -9.16 -6.86
CA ARG A 18 -14.43 -10.34 -7.64
C ARG A 18 -15.66 -11.25 -7.74
N GLY A 19 -16.83 -10.61 -7.80
CA GLY A 19 -18.10 -11.32 -7.84
C GLY A 19 -18.46 -11.70 -6.42
N ASP A 20 -19.31 -12.71 -6.23
CA ASP A 20 -19.66 -13.16 -4.89
C ASP A 20 -18.52 -14.12 -4.52
N SER A 21 -17.35 -13.54 -4.22
CA SER A 21 -16.14 -14.30 -3.91
C SER A 21 -16.11 -15.09 -2.61
N LYS A 22 -17.03 -14.78 -1.70
CA LYS A 22 -17.11 -15.50 -0.44
C LYS A 22 -17.70 -16.89 -0.68
N ASN A 23 -18.70 -16.97 -1.57
CA ASN A 23 -19.39 -18.22 -1.87
C ASN A 23 -19.05 -18.93 -3.19
N VAL A 24 -18.50 -18.18 -4.13
CA VAL A 24 -18.15 -18.70 -5.45
C VAL A 24 -16.71 -18.29 -5.81
N PRO A 25 -15.95 -19.17 -6.50
CA PRO A 25 -14.55 -18.86 -6.88
C PRO A 25 -14.40 -17.47 -7.47
N GLU A 26 -13.50 -16.68 -6.91
CA GLU A 26 -13.26 -15.31 -7.32
C GLU A 26 -12.95 -15.10 -8.80
N ASN A 27 -13.36 -13.93 -9.30
CA ASN A 27 -13.12 -13.53 -10.68
C ASN A 27 -13.49 -14.57 -11.75
N THR A 28 -14.69 -15.15 -11.61
CA THR A 28 -15.19 -16.11 -12.57
C THR A 28 -16.60 -15.70 -12.99
N ILE A 29 -17.04 -16.18 -14.15
CA ILE A 29 -18.38 -15.86 -14.66
C ILE A 29 -19.41 -16.32 -13.63
N ALA A 30 -19.17 -17.46 -13.01
CA ALA A 30 -20.08 -18.00 -11.99
C ALA A 30 -20.21 -17.04 -10.80
N ALA A 31 -19.08 -16.45 -10.40
CA ALA A 31 -19.08 -15.50 -9.28
C ALA A 31 -19.81 -14.22 -9.64
N PHE A 32 -19.60 -13.74 -10.86
CA PHE A 32 -20.25 -12.51 -11.32
C PHE A 32 -21.75 -12.74 -11.52
N LYS A 33 -22.11 -13.93 -12.02
CA LYS A 33 -23.51 -14.27 -12.25
C LYS A 33 -24.25 -14.35 -10.91
N ARG A 34 -23.60 -14.92 -9.90
CA ARG A 34 -24.19 -15.04 -8.57
C ARG A 34 -24.41 -13.65 -7.98
N ALA A 35 -23.48 -12.74 -8.24
CA ALA A 35 -23.58 -11.35 -7.75
C ALA A 35 -24.80 -10.68 -8.38
N MET A 36 -25.04 -10.94 -9.67
CA MET A 36 -26.18 -10.38 -10.37
C MET A 36 -27.49 -10.93 -9.81
N GLU A 37 -27.51 -12.24 -9.55
CA GLU A 37 -28.69 -12.92 -9.03
C GLU A 37 -29.06 -12.51 -7.61
N LEU A 38 -28.05 -12.19 -6.79
CA LEU A 38 -28.28 -11.76 -5.41
C LEU A 38 -28.89 -10.36 -5.35
N GLY A 39 -28.75 -9.60 -6.42
CA GLY A 39 -29.30 -8.26 -6.47
C GLY A 39 -28.29 -7.17 -6.18
N ALA A 40 -27.02 -7.45 -6.46
CA ALA A 40 -25.95 -6.48 -6.24
C ALA A 40 -26.03 -5.39 -7.30
N ASP A 41 -25.49 -4.22 -6.97
CA ASP A 41 -25.51 -3.08 -7.89
C ASP A 41 -24.39 -3.15 -8.93
N GLY A 42 -23.36 -3.94 -8.62
CA GLY A 42 -22.25 -4.08 -9.54
C GLY A 42 -21.19 -5.08 -9.08
N ILE A 43 -20.10 -5.16 -9.83
CA ILE A 43 -18.99 -6.06 -9.51
C ILE A 43 -17.66 -5.34 -9.64
N GLU A 44 -16.67 -5.84 -8.90
CA GLU A 44 -15.31 -5.32 -8.99
C GLU A 44 -14.50 -6.48 -9.56
N LEU A 45 -13.59 -6.18 -10.49
CA LEU A 45 -12.75 -7.20 -11.09
C LEU A 45 -11.39 -6.64 -11.49
N ASP A 46 -10.44 -7.55 -11.78
CA ASP A 46 -9.09 -7.18 -12.16
C ASP A 46 -8.77 -7.63 -13.59
N VAL A 47 -8.21 -6.74 -14.39
CA VAL A 47 -7.84 -7.10 -15.75
C VAL A 47 -6.33 -7.18 -15.94
N GLN A 48 -5.90 -8.18 -16.70
CA GLN A 48 -4.50 -8.38 -17.02
C GLN A 48 -4.45 -8.81 -18.49
N LEU A 49 -3.26 -8.82 -19.06
CA LEU A 49 -3.10 -9.24 -20.45
C LEU A 49 -2.38 -10.58 -20.56
N THR A 50 -2.82 -11.40 -21.50
CA THR A 50 -2.20 -12.69 -21.76
C THR A 50 -0.96 -12.41 -22.60
N LYS A 51 -0.21 -13.47 -22.92
CA LYS A 51 0.98 -13.34 -23.75
C LYS A 51 0.65 -12.73 -25.10
N ASP A 52 -0.51 -13.11 -25.64
CA ASP A 52 -0.93 -12.66 -26.97
C ASP A 52 -1.94 -11.52 -26.87
N GLY A 53 -2.01 -10.90 -25.70
CA GLY A 53 -2.53 -9.54 -25.58
C GLY A 53 -4.04 -9.51 -25.45
N HIS A 54 -4.61 -10.56 -24.87
CA HIS A 54 -6.04 -10.61 -24.60
C HIS A 54 -6.34 -10.18 -23.17
N LEU A 55 -7.44 -9.46 -23.00
CA LEU A 55 -7.86 -9.01 -21.67
C LEU A 55 -8.56 -10.14 -20.91
N VAL A 56 -7.93 -10.59 -19.83
CA VAL A 56 -8.50 -11.65 -18.99
C VAL A 56 -8.74 -11.18 -17.56
N VAL A 57 -9.67 -11.83 -16.88
CA VAL A 57 -10.05 -11.46 -15.53
C VAL A 57 -9.46 -12.41 -14.47
N ILE A 58 -8.46 -11.91 -13.74
CA ILE A 58 -7.77 -12.65 -12.69
C ILE A 58 -6.99 -11.64 -11.83
N HIS A 59 -6.99 -11.86 -10.51
CA HIS A 59 -6.33 -10.93 -9.60
C HIS A 59 -4.81 -10.98 -9.54
N ASP A 60 -4.27 -12.09 -9.04
CA ASP A 60 -2.82 -12.24 -8.91
C ASP A 60 -2.09 -12.24 -10.25
N GLU A 61 -0.85 -11.74 -10.24
CA GLU A 61 -0.04 -11.71 -11.45
C GLU A 61 0.43 -13.12 -11.82
N THR A 62 0.18 -14.07 -10.93
CA THR A 62 0.49 -15.49 -11.18
C THR A 62 -0.83 -16.25 -11.05
N VAL A 63 -0.96 -17.36 -11.76
CA VAL A 63 -2.19 -18.15 -11.74
C VAL A 63 -2.23 -19.20 -10.62
N ASP A 64 -1.13 -19.30 -9.88
CA ASP A 64 -0.98 -20.30 -8.82
C ASP A 64 -2.03 -20.44 -7.72
N ARG A 65 -2.43 -19.32 -7.12
CA ARG A 65 -3.38 -19.35 -6.01
C ARG A 65 -4.81 -19.76 -6.33
N THR A 66 -5.35 -19.25 -7.43
CA THR A 66 -6.73 -19.53 -7.80
C THR A 66 -6.97 -20.64 -8.82
N THR A 67 -5.92 -21.09 -9.49
CA THR A 67 -6.07 -22.14 -10.51
C THR A 67 -5.15 -23.33 -10.25
N ASN A 68 -5.31 -24.37 -11.07
CA ASN A 68 -4.47 -25.58 -10.94
C ASN A 68 -3.20 -25.47 -11.78
N GLY A 69 -2.92 -24.27 -12.27
CA GLY A 69 -1.72 -24.04 -13.07
C GLY A 69 -0.65 -23.29 -12.29
N GLU A 70 0.50 -23.06 -12.92
CA GLU A 70 1.62 -22.36 -12.31
C GLU A 70 2.27 -21.34 -13.26
N GLY A 71 2.74 -20.23 -12.71
CA GLY A 71 3.39 -19.22 -13.53
C GLY A 71 2.64 -17.90 -13.69
N PHE A 72 3.31 -16.93 -14.31
CA PHE A 72 2.74 -15.61 -14.54
C PHE A 72 1.67 -15.59 -15.63
N VAL A 73 0.66 -14.75 -15.44
CA VAL A 73 -0.44 -14.60 -16.38
C VAL A 73 0.09 -14.16 -17.76
N LYS A 74 1.06 -13.24 -17.75
CA LYS A 74 1.66 -12.72 -18.97
C LYS A 74 2.44 -13.76 -19.79
N ASP A 75 2.69 -14.92 -19.19
CA ASP A 75 3.41 -15.99 -19.89
C ASP A 75 2.46 -17.01 -20.51
N PHE A 76 1.17 -16.85 -20.23
CA PHE A 76 0.15 -17.74 -20.78
C PHE A 76 -0.57 -17.06 -21.94
N THR A 77 -0.73 -17.78 -23.05
CA THR A 77 -1.49 -17.23 -24.17
C THR A 77 -2.94 -17.53 -23.79
N LEU A 78 -3.89 -16.89 -24.48
CA LEU A 78 -5.31 -17.09 -24.18
C LEU A 78 -5.72 -18.57 -24.26
N GLU A 79 -5.19 -19.28 -25.25
CA GLU A 79 -5.50 -20.70 -25.43
C GLU A 79 -4.96 -21.52 -24.24
N GLU A 80 -3.73 -21.23 -23.83
CA GLU A 80 -3.11 -21.96 -22.72
C GLU A 80 -3.74 -21.64 -21.38
N ILE A 81 -4.14 -20.38 -21.17
CA ILE A 81 -4.74 -19.97 -19.91
C ILE A 81 -6.18 -20.49 -19.75
N LYS A 82 -6.82 -20.81 -20.87
CA LYS A 82 -8.19 -21.34 -20.85
C LYS A 82 -8.21 -22.84 -20.50
N LYS A 83 -7.03 -23.45 -20.43
CA LYS A 83 -6.92 -24.86 -20.07
C LYS A 83 -6.98 -25.02 -18.56
N LEU A 84 -6.67 -23.94 -17.83
CA LEU A 84 -6.65 -23.98 -16.37
C LEU A 84 -8.04 -23.99 -15.72
N ASP A 85 -8.12 -24.58 -14.53
CA ASP A 85 -9.37 -24.66 -13.77
C ASP A 85 -9.29 -23.62 -12.65
N ALA A 86 -10.10 -22.58 -12.75
CA ALA A 86 -10.12 -21.51 -11.75
C ALA A 86 -11.19 -21.70 -10.69
N GLY A 87 -11.79 -22.89 -10.67
CA GLY A 87 -12.84 -23.16 -9.69
C GLY A 87 -12.59 -24.30 -8.72
N ILE A 88 -11.89 -25.34 -9.17
CA ILE A 88 -11.63 -26.53 -8.35
C ILE A 88 -10.99 -26.27 -6.97
N LYS A 89 -10.04 -25.33 -6.91
CA LYS A 89 -9.38 -25.02 -5.63
C LYS A 89 -10.33 -24.42 -4.60
N PHE A 90 -11.38 -23.76 -5.06
CA PHE A 90 -12.37 -23.16 -4.16
C PHE A 90 -13.31 -24.27 -3.69
N GLY A 91 -13.65 -25.19 -4.61
CA GLY A 91 -14.54 -26.29 -4.29
C GLY A 91 -14.76 -27.22 -5.48
N GLU A 92 -15.01 -28.49 -5.20
CA GLU A 92 -15.24 -29.49 -6.24
C GLU A 92 -16.46 -29.18 -7.11
N LYS A 93 -17.47 -28.54 -6.51
CA LYS A 93 -18.69 -28.18 -7.21
C LYS A 93 -18.42 -27.24 -8.40
N PHE A 94 -17.36 -26.45 -8.29
CA PHE A 94 -17.02 -25.48 -9.33
C PHE A 94 -15.94 -25.93 -10.32
N ALA A 95 -15.71 -27.24 -10.38
CA ALA A 95 -14.71 -27.79 -11.30
C ALA A 95 -15.08 -27.47 -12.74
N GLY A 96 -14.07 -27.09 -13.53
CA GLY A 96 -14.29 -26.77 -14.93
C GLY A 96 -14.43 -25.28 -15.21
N GLU A 97 -14.68 -24.49 -14.16
CA GLU A 97 -14.83 -23.04 -14.31
C GLU A 97 -13.50 -22.44 -14.77
N ARG A 98 -13.57 -21.61 -15.82
CA ARG A 98 -12.38 -21.02 -16.41
C ARG A 98 -12.13 -19.56 -16.07
N ILE A 99 -10.92 -19.09 -16.40
CA ILE A 99 -10.55 -17.69 -16.21
C ILE A 99 -11.26 -17.01 -17.38
N PRO A 100 -12.16 -16.07 -17.08
CA PRO A 100 -12.90 -15.36 -18.12
C PRO A 100 -12.16 -14.23 -18.82
N THR A 101 -12.59 -13.92 -20.03
CA THR A 101 -12.05 -12.79 -20.77
C THR A 101 -12.99 -11.66 -20.32
N LEU A 102 -12.58 -10.41 -20.56
CA LEU A 102 -13.41 -9.26 -20.21
C LEU A 102 -14.67 -9.30 -21.07
N TYR A 103 -14.53 -9.81 -22.30
CA TYR A 103 -15.64 -9.94 -23.24
C TYR A 103 -16.75 -10.82 -22.65
N GLU A 104 -16.37 -11.93 -22.02
CA GLU A 104 -17.33 -12.84 -21.41
C GLU A 104 -18.12 -12.19 -20.29
N VAL A 105 -17.48 -11.31 -19.53
CA VAL A 105 -18.12 -10.59 -18.45
C VAL A 105 -19.19 -9.66 -19.03
N PHE A 106 -18.84 -8.93 -20.09
CA PHE A 106 -19.78 -8.02 -20.74
C PHE A 106 -20.94 -8.80 -21.37
N GLU A 107 -20.62 -9.98 -21.91
CA GLU A 107 -21.63 -10.85 -22.53
C GLU A 107 -22.61 -11.42 -21.51
N LEU A 108 -22.10 -11.70 -20.30
CA LEU A 108 -22.93 -12.24 -19.21
C LEU A 108 -23.93 -11.19 -18.73
N ILE A 109 -23.46 -9.96 -18.58
CA ILE A 109 -24.31 -8.85 -18.11
C ILE A 109 -25.31 -8.43 -19.18
N GLY A 110 -24.84 -8.31 -20.42
CA GLY A 110 -25.71 -7.94 -21.52
C GLY A 110 -26.22 -6.51 -21.46
N ASP A 111 -27.55 -6.36 -21.36
CA ASP A 111 -28.18 -5.05 -21.31
C ASP A 111 -28.57 -4.63 -19.89
N LYS A 112 -28.34 -5.51 -18.92
CA LYS A 112 -28.67 -5.24 -17.53
C LYS A 112 -27.90 -4.02 -17.01
N ASP A 113 -28.59 -3.18 -16.22
CA ASP A 113 -27.99 -1.97 -15.66
C ASP A 113 -27.16 -2.42 -14.44
N PHE A 114 -25.99 -2.96 -14.73
CA PHE A 114 -25.10 -3.51 -13.72
C PHE A 114 -23.70 -2.91 -13.83
N LEU A 115 -23.22 -2.33 -12.73
CA LEU A 115 -21.92 -1.66 -12.70
C LEU A 115 -20.71 -2.61 -12.76
N VAL A 116 -19.69 -2.20 -13.50
CA VAL A 116 -18.47 -2.99 -13.60
C VAL A 116 -17.25 -2.14 -13.23
N ASN A 117 -16.77 -2.31 -12.00
CA ASN A 117 -15.58 -1.58 -11.53
C ASN A 117 -14.36 -2.39 -11.95
N ILE A 118 -13.72 -1.95 -13.02
CA ILE A 118 -12.56 -2.62 -13.57
C ILE A 118 -11.24 -2.03 -13.06
N GLU A 119 -10.44 -2.87 -12.40
CA GLU A 119 -9.14 -2.42 -11.91
C GLU A 119 -8.03 -2.87 -12.84
N ILE A 120 -7.22 -1.92 -13.31
CA ILE A 120 -6.08 -2.23 -14.15
C ILE A 120 -4.96 -2.54 -13.16
N LYS A 121 -4.37 -3.72 -13.27
CA LYS A 121 -3.30 -4.13 -12.35
C LYS A 121 -2.02 -3.32 -12.47
N SER A 122 -1.43 -3.00 -11.32
CA SER A 122 -0.18 -2.23 -11.27
C SER A 122 0.99 -3.17 -10.94
N GLY A 123 1.43 -3.16 -9.69
CA GLY A 123 2.52 -4.03 -9.26
C GLY A 123 3.80 -4.05 -10.08
N ILE A 124 4.42 -5.23 -10.14
CA ILE A 124 5.67 -5.40 -10.87
C ILE A 124 5.51 -5.54 -12.39
N VAL A 125 4.55 -6.32 -12.83
CA VAL A 125 4.34 -6.55 -14.26
C VAL A 125 3.69 -5.37 -15.00
N LEU A 126 4.32 -4.97 -16.10
CA LEU A 126 3.81 -3.87 -16.91
C LEU A 126 2.98 -4.47 -18.05
N TYR A 127 1.88 -3.82 -18.39
CA TYR A 127 1.04 -4.28 -19.50
C TYR A 127 0.90 -3.17 -20.54
N PRO A 128 1.78 -3.17 -21.56
CA PRO A 128 1.77 -2.18 -22.63
C PRO A 128 0.49 -2.21 -23.44
N GLY A 129 -0.14 -1.05 -23.60
CA GLY A 129 -1.36 -0.94 -24.38
C GLY A 129 -2.63 -1.48 -23.75
N ILE A 130 -2.60 -1.74 -22.45
CA ILE A 130 -3.78 -2.27 -21.77
C ILE A 130 -4.89 -1.23 -21.66
N GLU A 131 -4.52 0.05 -21.52
CA GLU A 131 -5.49 1.13 -21.43
C GLU A 131 -6.29 1.27 -22.72
N GLU A 132 -5.59 1.19 -23.86
CA GLU A 132 -6.22 1.29 -25.17
C GLU A 132 -7.15 0.10 -25.44
N LYS A 133 -6.69 -1.09 -25.06
CA LYS A 133 -7.46 -2.32 -25.25
C LYS A 133 -8.72 -2.32 -24.39
N LEU A 134 -8.62 -1.74 -23.19
CA LEU A 134 -9.74 -1.67 -22.27
C LEU A 134 -10.83 -0.73 -22.77
N ILE A 135 -10.42 0.46 -23.21
CA ILE A 135 -11.36 1.47 -23.72
C ILE A 135 -12.10 0.95 -24.97
N LYS A 136 -11.37 0.27 -25.86
CA LYS A 136 -11.96 -0.26 -27.08
C LYS A 136 -12.95 -1.38 -26.79
N ALA A 137 -12.65 -2.19 -25.78
CA ALA A 137 -13.53 -3.30 -25.38
C ALA A 137 -14.81 -2.77 -24.74
N ILE A 138 -14.70 -1.68 -23.99
CA ILE A 138 -15.84 -1.05 -23.34
C ILE A 138 -16.72 -0.38 -24.41
N LYS A 139 -16.08 0.21 -25.41
CA LYS A 139 -16.79 0.88 -26.51
C LYS A 139 -17.49 -0.12 -27.44
N GLU A 140 -16.89 -1.31 -27.57
CA GLU A 140 -17.43 -2.35 -28.44
C GLU A 140 -18.69 -3.01 -27.85
N TYR A 141 -18.79 -3.04 -26.53
CA TYR A 141 -19.94 -3.65 -25.86
C TYR A 141 -20.88 -2.62 -25.23
N ASN A 142 -20.65 -1.34 -25.55
CA ASN A 142 -21.45 -0.22 -25.04
C ASN A 142 -21.59 -0.19 -23.52
N PHE A 143 -20.45 -0.23 -22.83
CA PHE A 143 -20.42 -0.21 -21.36
C PHE A 143 -19.84 1.09 -20.81
N GLU A 144 -19.80 2.14 -21.63
CA GLU A 144 -19.25 3.43 -21.23
C GLU A 144 -19.79 4.03 -19.94
N GLU A 145 -21.09 3.92 -19.73
CA GLU A 145 -21.73 4.49 -18.54
C GLU A 145 -21.84 3.51 -17.36
N ARG A 146 -21.63 2.23 -17.63
CA ARG A 146 -21.72 1.19 -16.61
C ARG A 146 -20.36 0.78 -16.03
N VAL A 147 -19.32 1.50 -16.38
CA VAL A 147 -17.98 1.17 -15.91
C VAL A 147 -17.24 2.26 -15.15
N ILE A 148 -16.51 1.84 -14.12
CA ILE A 148 -15.64 2.75 -13.37
C ILE A 148 -14.27 2.07 -13.44
N ILE A 149 -13.30 2.75 -14.05
CA ILE A 149 -11.96 2.20 -14.18
C ILE A 149 -11.09 2.67 -13.02
N SER A 150 -10.61 1.71 -12.23
CA SER A 150 -9.77 2.03 -11.08
C SER A 150 -8.38 1.40 -11.21
N SER A 151 -7.46 1.89 -10.37
CA SER A 151 -6.09 1.37 -10.34
C SER A 151 -5.30 2.04 -9.23
N PHE A 152 -4.29 1.33 -8.70
CA PHE A 152 -3.42 1.89 -7.68
C PHE A 152 -2.38 2.73 -8.46
N ASN A 153 -2.21 2.41 -9.74
CA ASN A 153 -1.29 3.16 -10.61
C ASN A 153 -2.13 4.27 -11.24
N HIS A 154 -2.05 5.48 -10.67
CA HIS A 154 -2.84 6.60 -11.15
C HIS A 154 -2.34 7.17 -12.48
N TYR A 155 -1.13 6.78 -12.89
CA TYR A 155 -0.57 7.22 -14.17
C TYR A 155 -1.37 6.53 -15.28
N SER A 156 -1.79 5.30 -15.01
CA SER A 156 -2.58 4.51 -15.94
C SER A 156 -3.95 5.18 -16.13
N LEU A 157 -4.49 5.71 -15.04
CA LEU A 157 -5.80 6.38 -15.07
C LEU A 157 -5.72 7.76 -15.73
N ARG A 158 -4.53 8.37 -15.68
CA ARG A 158 -4.31 9.67 -16.32
C ARG A 158 -4.35 9.46 -17.83
N ASP A 159 -3.83 8.31 -18.29
CA ASP A 159 -3.83 7.97 -19.72
C ASP A 159 -5.25 7.66 -20.20
N VAL A 160 -6.04 7.04 -19.32
CA VAL A 160 -7.43 6.69 -19.63
C VAL A 160 -8.26 7.97 -19.72
N LYS A 161 -8.00 8.91 -18.82
CA LYS A 161 -8.74 10.19 -18.78
C LYS A 161 -8.42 11.05 -20.01
N LYS A 162 -7.22 10.92 -20.55
CA LYS A 162 -6.81 11.68 -21.72
C LYS A 162 -7.39 11.06 -23.00
N MET A 163 -7.31 9.75 -23.12
CA MET A 163 -7.82 9.03 -24.29
C MET A 163 -9.33 8.92 -24.36
N ALA A 164 -9.98 8.81 -23.20
CA ALA A 164 -11.44 8.70 -23.13
C ALA A 164 -11.94 9.44 -21.88
N PRO A 165 -12.14 10.76 -21.99
CA PRO A 165 -12.60 11.62 -20.89
C PRO A 165 -13.98 11.29 -20.33
N HIS A 166 -14.82 10.70 -21.16
CA HIS A 166 -16.18 10.37 -20.76
C HIS A 166 -16.27 9.21 -19.76
N LEU A 167 -15.23 8.38 -19.72
CA LEU A 167 -15.20 7.24 -18.81
C LEU A 167 -14.85 7.66 -17.38
N LYS A 168 -15.55 7.07 -16.41
CA LYS A 168 -15.34 7.36 -15.01
C LYS A 168 -14.11 6.64 -14.46
N ILE A 169 -13.24 7.39 -13.77
CA ILE A 169 -12.05 6.78 -13.17
C ILE A 169 -12.08 6.88 -11.63
N GLY A 170 -11.65 5.80 -10.98
CA GLY A 170 -11.61 5.74 -9.52
C GLY A 170 -10.20 5.58 -9.02
N LEU A 171 -9.80 6.42 -8.08
CA LEU A 171 -8.45 6.37 -7.53
C LEU A 171 -8.34 5.42 -6.34
N LEU A 172 -7.68 4.29 -6.56
CA LEU A 172 -7.47 3.30 -5.50
C LEU A 172 -6.25 3.68 -4.66
N TYR A 173 -6.38 3.53 -3.34
CA TYR A 173 -5.27 3.81 -2.42
C TYR A 173 -5.52 3.21 -1.04
N GLN A 174 -4.43 2.77 -0.40
CA GLN A 174 -4.50 2.21 0.95
C GLN A 174 -3.82 3.21 1.88
N CYS A 175 -2.92 4.01 1.30
CA CYS A 175 -2.19 5.06 2.01
C CYS A 175 -3.18 5.98 2.78
N GLY A 176 -2.82 6.41 3.99
CA GLY A 176 -3.70 7.26 4.79
C GLY A 176 -3.60 8.72 4.35
N LEU A 177 -4.14 8.99 3.18
CA LEU A 177 -4.08 10.34 2.58
C LEU A 177 -4.95 11.41 3.23
N VAL A 178 -4.36 12.58 3.44
CA VAL A 178 -5.06 13.73 4.02
C VAL A 178 -5.57 14.64 2.89
N GLU A 179 -6.85 15.00 2.95
CA GLU A 179 -7.52 15.82 1.94
C GLU A 179 -7.23 15.35 0.52
N PRO A 180 -7.51 14.07 0.21
CA PRO A 180 -7.25 13.54 -1.13
C PRO A 180 -8.16 14.03 -2.26
N TRP A 181 -9.17 14.83 -1.90
CA TRP A 181 -10.10 15.34 -2.92
C TRP A 181 -9.45 16.39 -3.83
N HIS A 182 -8.35 16.98 -3.39
CA HIS A 182 -7.62 17.95 -4.20
C HIS A 182 -6.99 17.18 -5.36
N MET A 183 -6.41 16.02 -5.04
CA MET A 183 -5.78 15.14 -6.03
C MET A 183 -6.87 14.62 -6.98
N ALA A 184 -8.02 14.26 -6.42
CA ALA A 184 -9.16 13.73 -7.18
C ALA A 184 -9.69 14.73 -8.22
N LEU A 185 -9.84 15.98 -7.81
CA LEU A 185 -10.34 17.04 -8.70
C LEU A 185 -9.30 17.36 -9.78
N ARG A 186 -8.02 17.34 -9.41
CA ARG A 186 -6.93 17.61 -10.35
C ARG A 186 -6.87 16.57 -11.46
N MET A 187 -7.12 15.31 -11.10
CA MET A 187 -7.09 14.22 -12.06
C MET A 187 -8.45 13.95 -12.71
N GLU A 188 -9.43 14.78 -12.37
CA GLU A 188 -10.80 14.67 -12.87
C GLU A 188 -11.38 13.28 -12.58
N ALA A 189 -11.11 12.81 -11.37
CA ALA A 189 -11.58 11.50 -10.93
C ALA A 189 -13.04 11.54 -10.48
N TYR A 190 -13.78 10.50 -10.85
CA TYR A 190 -15.17 10.39 -10.48
C TYR A 190 -15.29 9.98 -9.02
N SER A 191 -14.35 9.14 -8.58
CA SER A 191 -14.40 8.62 -7.21
C SER A 191 -13.04 8.30 -6.59
N LEU A 192 -13.04 8.14 -5.26
CA LEU A 192 -11.86 7.74 -4.53
C LEU A 192 -12.23 6.36 -3.96
N HIS A 193 -11.31 5.41 -4.11
CA HIS A 193 -11.51 4.04 -3.64
C HIS A 193 -10.49 3.73 -2.54
N PRO A 194 -10.79 4.20 -1.32
CA PRO A 194 -9.87 4.05 -0.20
C PRO A 194 -10.08 2.73 0.54
N PHE A 195 -8.99 2.14 1.03
CA PHE A 195 -9.08 1.14 2.08
C PHE A 195 -9.92 1.63 3.25
N TYR A 196 -10.81 0.78 3.74
CA TYR A 196 -12.00 1.24 4.43
C TYR A 196 -11.67 1.75 5.84
N PHE A 197 -10.43 1.53 6.26
CA PHE A 197 -9.94 2.10 7.51
C PHE A 197 -9.90 3.63 7.38
N ASN A 198 -9.68 4.12 6.15
CA ASN A 198 -9.57 5.55 5.89
C ASN A 198 -10.90 6.30 5.93
N ILE A 199 -12.01 5.57 5.92
CA ILE A 199 -13.32 6.22 5.96
C ILE A 199 -13.61 6.82 7.34
N ILE A 200 -13.50 8.14 7.41
CA ILE A 200 -13.75 8.90 8.63
C ILE A 200 -14.55 10.14 8.23
N PRO A 201 -15.22 10.80 9.20
CA PRO A 201 -16.03 12.00 8.92
C PRO A 201 -15.37 13.05 8.05
N GLU A 202 -14.10 13.36 8.35
CA GLU A 202 -13.37 14.38 7.61
C GLU A 202 -13.27 14.05 6.12
N LEU A 203 -13.01 12.77 5.81
CA LEU A 203 -12.89 12.34 4.42
C LEU A 203 -14.23 12.41 3.70
N VAL A 204 -15.29 11.88 4.31
CA VAL A 204 -16.62 11.86 3.71
C VAL A 204 -17.15 13.27 3.43
N GLU A 205 -17.06 14.14 4.42
CA GLU A 205 -17.53 15.52 4.28
C GLU A 205 -16.75 16.30 3.21
N GLY A 206 -15.45 16.08 3.16
CA GLY A 206 -14.61 16.75 2.18
C GLY A 206 -14.85 16.27 0.77
N CYS A 207 -15.20 14.99 0.62
CA CYS A 207 -15.48 14.43 -0.69
C CYS A 207 -16.86 14.87 -1.18
N LYS A 208 -17.84 14.87 -0.28
CA LYS A 208 -19.20 15.27 -0.62
C LYS A 208 -19.28 16.74 -1.02
N LYS A 209 -18.51 17.58 -0.34
CA LYS A 209 -18.47 19.01 -0.62
C LYS A 209 -17.85 19.28 -2.00
N ASN A 210 -16.92 18.43 -2.41
CA ASN A 210 -16.25 18.57 -3.70
C ASN A 210 -16.78 17.67 -4.81
N GLY A 211 -17.90 17.00 -4.52
CA GLY A 211 -18.53 16.13 -5.51
C GLY A 211 -17.78 14.86 -5.90
N VAL A 212 -16.89 14.42 -5.02
CA VAL A 212 -16.11 13.20 -5.28
C VAL A 212 -16.77 12.04 -4.52
N LYS A 213 -17.05 10.95 -5.22
CA LYS A 213 -17.70 9.80 -4.62
C LYS A 213 -16.72 8.86 -3.92
N LEU A 214 -17.23 8.05 -3.02
CA LEU A 214 -16.39 7.13 -2.25
C LEU A 214 -16.80 5.66 -2.35
N PHE A 215 -15.83 4.80 -2.66
CA PHE A 215 -16.06 3.36 -2.76
C PHE A 215 -15.02 2.59 -1.93
N PRO A 216 -15.26 2.50 -0.62
CA PRO A 216 -14.32 1.84 0.29
C PRO A 216 -14.22 0.35 0.04
N TRP A 217 -13.04 -0.22 0.28
CA TRP A 217 -12.83 -1.64 0.06
C TRP A 217 -12.05 -2.27 1.22
N THR A 218 -11.86 -3.58 1.15
CA THR A 218 -12.96 -4.52 1.00
C THR A 218 -13.64 -4.78 2.34
N VAL A 219 -14.95 -4.55 2.38
CA VAL A 219 -15.69 -4.60 3.63
C VAL A 219 -16.50 -5.89 3.74
N ASP A 220 -16.06 -6.78 4.62
CA ASP A 220 -16.69 -8.09 4.79
C ASP A 220 -17.46 -8.30 6.10
N ARG A 221 -17.05 -7.60 7.15
CA ARG A 221 -17.71 -7.73 8.45
C ARG A 221 -18.97 -6.88 8.51
N LYS A 222 -20.06 -7.49 8.98
CA LYS A 222 -21.36 -6.83 9.08
C LYS A 222 -21.29 -5.51 9.86
N GLU A 223 -20.51 -5.50 10.94
CA GLU A 223 -20.35 -4.31 11.77
C GLU A 223 -19.67 -3.19 10.99
N ASP A 224 -18.69 -3.55 10.17
CA ASP A 224 -17.97 -2.59 9.35
C ASP A 224 -18.88 -2.09 8.23
N MET A 225 -19.73 -2.98 7.71
CA MET A 225 -20.68 -2.62 6.67
C MET A 225 -21.65 -1.57 7.22
N GLU A 226 -22.09 -1.78 8.47
CA GLU A 226 -23.02 -0.88 9.14
C GLU A 226 -22.41 0.52 9.32
N ARG A 227 -21.12 0.57 9.65
CA ARG A 227 -20.42 1.83 9.84
C ARG A 227 -20.26 2.58 8.51
N MET A 228 -20.01 1.83 7.44
CA MET A 228 -19.84 2.45 6.11
C MET A 228 -21.15 3.07 5.62
N ILE A 229 -22.27 2.38 5.83
CA ILE A 229 -23.58 2.88 5.44
C ILE A 229 -23.92 4.13 6.25
N LYS A 230 -23.59 4.10 7.54
CA LYS A 230 -23.85 5.24 8.43
C LYS A 230 -22.94 6.42 8.13
N ALA A 231 -21.75 6.14 7.60
CA ALA A 231 -20.79 7.18 7.25
C ALA A 231 -21.28 7.92 6.00
N GLY A 232 -22.07 7.24 5.19
CA GLY A 232 -22.61 7.85 3.98
C GLY A 232 -21.82 7.66 2.70
N VAL A 233 -21.13 6.52 2.57
CA VAL A 233 -20.35 6.26 1.36
C VAL A 233 -21.30 5.92 0.21
N ASP A 234 -20.84 6.19 -1.01
CA ASP A 234 -21.63 5.98 -2.21
C ASP A 234 -21.74 4.51 -2.59
N GLY A 235 -20.71 3.74 -2.29
CA GLY A 235 -20.72 2.32 -2.61
C GLY A 235 -19.78 1.55 -1.70
N ILE A 236 -20.05 0.26 -1.53
CA ILE A 236 -19.21 -0.59 -0.70
C ILE A 236 -18.73 -1.79 -1.52
N ILE A 237 -17.41 -1.95 -1.62
CA ILE A 237 -16.81 -3.07 -2.34
C ILE A 237 -16.67 -4.18 -1.29
N THR A 238 -17.37 -5.29 -1.51
CA THR A 238 -17.40 -6.39 -0.56
C THR A 238 -17.34 -7.80 -1.17
N ASP A 239 -16.71 -8.72 -0.44
CA ASP A 239 -16.60 -10.11 -0.89
C ASP A 239 -17.92 -10.83 -0.59
N ASP A 240 -18.75 -10.21 0.26
CA ASP A 240 -20.02 -10.80 0.68
C ASP A 240 -21.21 -9.89 0.37
N PRO A 241 -21.62 -9.82 -0.91
CA PRO A 241 -22.75 -8.97 -1.29
C PRO A 241 -24.07 -9.37 -0.63
N GLU A 242 -24.28 -10.68 -0.45
CA GLU A 242 -25.50 -11.18 0.17
C GLU A 242 -25.79 -10.57 1.54
N THR A 243 -24.79 -10.56 2.41
CA THR A 243 -24.96 -9.99 3.75
C THR A 243 -25.24 -8.49 3.67
N LEU A 244 -24.53 -7.78 2.80
CA LEU A 244 -24.74 -6.33 2.65
C LEU A 244 -26.10 -5.99 2.05
N ILE A 245 -26.54 -6.77 1.05
CA ILE A 245 -27.84 -6.56 0.43
C ILE A 245 -28.94 -6.77 1.48
N ASN A 246 -28.82 -7.82 2.29
CA ASN A 246 -29.80 -8.12 3.33
C ASN A 246 -29.76 -7.10 4.47
N LEU A 247 -28.62 -6.43 4.65
CA LEU A 247 -28.47 -5.42 5.69
C LEU A 247 -29.17 -4.13 5.26
N VAL A 248 -29.05 -3.78 3.98
CA VAL A 248 -29.69 -2.57 3.44
C VAL A 248 -31.21 -2.76 3.46
N ARG A 249 -31.67 -4.01 3.31
CA ARG A 249 -33.09 -4.35 3.34
C ARG A 249 -33.68 -4.15 4.75
N MET B 10 26.01 15.29 -5.40
CA MET B 10 26.38 14.69 -4.09
C MET B 10 25.93 13.23 -3.97
N LYS B 11 26.55 12.51 -3.04
CA LYS B 11 26.22 11.11 -2.81
C LYS B 11 24.83 10.89 -2.24
N THR B 12 24.19 9.82 -2.68
CA THR B 12 22.86 9.46 -2.19
C THR B 12 23.07 8.92 -0.76
N LEU B 13 22.16 9.25 0.15
CA LEU B 13 22.28 8.79 1.53
C LEU B 13 21.85 7.31 1.64
N VAL B 14 22.62 6.55 2.42
CA VAL B 14 22.32 5.13 2.64
C VAL B 14 21.62 5.01 3.99
N ILE B 15 20.34 4.62 3.96
CA ILE B 15 19.55 4.46 5.16
C ILE B 15 19.29 2.96 5.37
N ALA B 16 19.83 2.40 6.45
CA ALA B 16 19.70 0.97 6.74
C ALA B 16 18.33 0.64 7.33
N HIS B 17 17.55 -0.12 6.55
CA HIS B 17 16.20 -0.52 6.93
C HIS B 17 16.20 -1.49 8.11
N ARG B 18 15.76 -1.01 9.26
CA ARG B 18 15.75 -1.74 10.54
C ARG B 18 17.18 -2.11 10.91
N GLY B 19 18.12 -1.24 10.51
CA GLY B 19 19.54 -1.46 10.76
C GLY B 19 20.09 -2.30 9.62
N ASP B 20 21.19 -3.01 9.83
CA ASP B 20 21.74 -3.89 8.79
C ASP B 20 20.96 -5.19 8.98
N SER B 21 19.69 -5.16 8.58
CA SER B 21 18.79 -6.30 8.74
C SER B 21 19.06 -7.55 7.93
N LYS B 22 19.87 -7.43 6.88
CA LYS B 22 20.22 -8.58 6.07
C LYS B 22 21.18 -9.50 6.85
N ASN B 23 22.08 -8.89 7.63
CA ASN B 23 23.09 -9.62 8.38
C ASN B 23 22.91 -9.67 9.90
N VAL B 24 22.04 -8.83 10.43
CA VAL B 24 21.81 -8.75 11.87
C VAL B 24 20.31 -8.67 12.16
N PRO B 25 19.84 -9.28 13.26
CA PRO B 25 18.42 -9.26 13.64
C PRO B 25 17.84 -7.86 13.53
N GLU B 26 16.78 -7.73 12.75
CA GLU B 26 16.14 -6.44 12.52
C GLU B 26 15.69 -5.69 13.76
N ASN B 27 15.68 -4.36 13.67
CA ASN B 27 15.26 -3.49 14.76
C ASN B 27 15.88 -3.75 16.12
N THR B 28 17.18 -4.00 16.15
CA THR B 28 17.90 -4.20 17.40
C THR B 28 19.09 -3.26 17.44
N ILE B 29 19.60 -3.00 18.65
CA ILE B 29 20.76 -2.12 18.83
C ILE B 29 21.93 -2.71 18.03
N ALA B 30 22.04 -4.04 18.03
CA ALA B 30 23.12 -4.70 17.28
C ALA B 30 23.04 -4.36 15.79
N ALA B 31 21.84 -4.38 15.23
CA ALA B 31 21.64 -4.07 13.81
C ALA B 31 21.91 -2.60 13.50
N PHE B 32 21.48 -1.71 14.40
CA PHE B 32 21.70 -0.27 14.20
C PHE B 32 23.20 0.05 14.33
N LYS B 33 23.86 -0.59 15.29
CA LYS B 33 25.28 -0.40 15.52
C LYS B 33 26.10 -0.86 14.31
N ARG B 34 25.71 -1.99 13.71
CA ARG B 34 26.39 -2.52 12.54
C ARG B 34 26.25 -1.55 11.36
N ALA B 35 25.06 -0.95 11.22
CA ALA B 35 24.82 0.01 10.15
C ALA B 35 25.77 1.20 10.29
N MET B 36 25.96 1.67 11.53
CA MET B 36 26.87 2.79 11.81
C MET B 36 28.31 2.41 11.45
N GLU B 37 28.73 1.22 11.87
CA GLU B 37 30.08 0.72 11.62
C GLU B 37 30.38 0.56 10.13
N LEU B 38 29.37 0.16 9.37
CA LEU B 38 29.52 -0.02 7.93
C LEU B 38 29.70 1.33 7.20
N GLY B 39 29.28 2.40 7.85
CA GLY B 39 29.40 3.72 7.24
C GLY B 39 28.11 4.24 6.63
N ALA B 40 26.99 3.71 7.10
CA ALA B 40 25.68 4.15 6.60
C ALA B 40 25.44 5.57 7.09
N ASP B 41 24.56 6.29 6.40
CA ASP B 41 24.24 7.68 6.77
C ASP B 41 23.11 7.77 7.78
N GLY B 42 22.40 6.65 7.98
CA GLY B 42 21.31 6.65 8.92
C GLY B 42 20.59 5.30 8.98
N ILE B 43 19.51 5.25 9.75
CA ILE B 43 18.70 4.04 9.90
C ILE B 43 17.22 4.33 9.81
N GLU B 44 16.44 3.31 9.46
CA GLU B 44 15.00 3.42 9.43
C GLU B 44 14.56 2.44 10.53
N LEU B 45 13.55 2.84 11.30
CA LEU B 45 13.04 1.98 12.37
C LEU B 45 11.55 2.23 12.62
N ASP B 46 10.92 1.29 13.32
CA ASP B 46 9.50 1.39 13.62
C ASP B 46 9.28 1.55 15.12
N VAL B 47 8.40 2.46 15.52
CA VAL B 47 8.11 2.62 16.94
C VAL B 47 6.67 2.26 17.26
N GLN B 48 6.50 1.63 18.42
CA GLN B 48 5.20 1.22 18.93
C GLN B 48 5.21 1.49 20.43
N LEU B 49 4.06 1.36 21.07
CA LEU B 49 3.96 1.57 22.51
C LEU B 49 3.66 0.29 23.26
N THR B 50 4.25 0.15 24.44
CA THR B 50 4.00 -1.00 25.32
C THR B 50 2.70 -0.68 26.06
N LYS B 51 2.23 -1.63 26.87
CA LYS B 51 0.99 -1.46 27.63
C LYS B 51 1.10 -0.30 28.61
N ASP B 52 2.29 -0.12 29.19
CA ASP B 52 2.51 0.96 30.14
C ASP B 52 3.02 2.26 29.50
N GLY B 53 2.84 2.36 28.19
CA GLY B 53 3.19 3.56 27.45
C GLY B 53 4.63 3.92 27.14
N HIS B 54 5.47 2.93 26.91
CA HIS B 54 6.87 3.17 26.59
C HIS B 54 7.12 2.94 25.11
N LEU B 55 7.93 3.80 24.51
CA LEU B 55 8.28 3.69 23.09
C LEU B 55 9.31 2.59 22.85
N VAL B 56 8.91 1.54 22.14
CA VAL B 56 9.82 0.44 21.81
C VAL B 56 10.00 0.32 20.29
N VAL B 57 11.14 -0.24 19.88
CA VAL B 57 11.47 -0.40 18.48
C VAL B 57 11.27 -1.83 17.97
N ILE B 58 10.20 -2.02 17.20
CA ILE B 58 9.85 -3.31 16.62
C ILE B 58 8.86 -3.08 15.49
N HIS B 59 8.96 -3.88 14.43
CA HIS B 59 8.10 -3.70 13.25
C HIS B 59 6.68 -4.23 13.33
N ASP B 60 6.53 -5.54 13.51
CA ASP B 60 5.21 -6.16 13.59
C ASP B 60 4.42 -5.73 14.84
N GLU B 61 3.10 -5.76 14.72
CA GLU B 61 2.21 -5.43 15.83
C GLU B 61 2.28 -6.55 16.87
N THR B 62 2.78 -7.71 16.46
CA THR B 62 2.96 -8.84 17.37
C THR B 62 4.44 -9.19 17.48
N VAL B 63 4.86 -9.72 18.62
CA VAL B 63 6.27 -10.08 18.83
C VAL B 63 6.61 -11.43 18.22
N ASP B 64 5.59 -12.15 17.76
CA ASP B 64 5.72 -13.49 17.19
C ASP B 64 6.85 -13.79 16.22
N ARG B 65 6.91 -13.07 15.12
CA ARG B 65 7.92 -13.31 14.09
C ARG B 65 9.38 -13.12 14.48
N THR B 66 9.68 -12.02 15.14
CA THR B 66 11.06 -11.71 15.49
C THR B 66 11.59 -12.12 16.86
N THR B 67 10.70 -12.58 17.73
CA THR B 67 11.11 -13.00 19.07
C THR B 67 10.68 -14.43 19.43
N ASN B 68 11.03 -14.86 20.64
CA ASN B 68 10.68 -16.18 21.14
C ASN B 68 9.42 -16.08 22.01
N GLY B 69 8.67 -15.00 21.82
CA GLY B 69 7.43 -14.79 22.55
C GLY B 69 6.26 -14.71 21.59
N GLU B 70 5.06 -14.44 22.11
CA GLU B 70 3.87 -14.32 21.26
C GLU B 70 2.88 -13.33 21.86
N GLY B 71 2.10 -12.69 21.00
CA GLY B 71 1.12 -11.72 21.44
C GLY B 71 1.40 -10.31 20.94
N PHE B 72 0.41 -9.43 21.06
CA PHE B 72 0.54 -8.05 20.61
C PHE B 72 1.51 -7.23 21.48
N VAL B 73 2.28 -6.36 20.82
CA VAL B 73 3.24 -5.51 21.49
C VAL B 73 2.54 -4.64 22.55
N LYS B 74 1.35 -4.14 22.21
CA LYS B 74 0.58 -3.28 23.11
C LYS B 74 0.07 -4.01 24.37
N ASP B 75 0.17 -5.33 24.38
CA ASP B 75 -0.29 -6.10 25.54
C ASP B 75 0.84 -6.40 26.52
N PHE B 76 2.07 -6.12 26.09
CA PHE B 76 3.26 -6.33 26.92
C PHE B 76 3.66 -5.04 27.63
N THR B 77 4.11 -5.16 28.87
CA THR B 77 4.62 -4.00 29.60
C THR B 77 6.10 -3.96 29.17
N LEU B 78 6.79 -2.86 29.43
CA LEU B 78 8.20 -2.74 29.06
C LEU B 78 9.06 -3.82 29.72
N GLU B 79 8.79 -4.09 31.00
CA GLU B 79 9.54 -5.10 31.75
C GLU B 79 9.32 -6.49 31.14
N GLU B 80 8.08 -6.78 30.76
CA GLU B 80 7.72 -8.06 30.17
C GLU B 80 8.31 -8.25 28.78
N ILE B 81 8.26 -7.21 27.95
CA ILE B 81 8.77 -7.29 26.59
C ILE B 81 10.30 -7.35 26.54
N LYS B 82 10.95 -6.87 27.61
CA LYS B 82 12.41 -6.89 27.69
C LYS B 82 12.96 -8.29 28.01
N LYS B 83 12.08 -9.19 28.44
CA LYS B 83 12.48 -10.57 28.76
C LYS B 83 12.55 -11.42 27.51
N LEU B 84 11.96 -10.94 26.41
CA LEU B 84 11.95 -11.66 25.15
C LEU B 84 13.29 -11.57 24.41
N ASP B 85 13.57 -12.59 23.59
CA ASP B 85 14.81 -12.64 22.82
C ASP B 85 14.50 -12.26 21.38
N ALA B 86 15.01 -11.10 20.96
CA ALA B 86 14.78 -10.60 19.60
C ALA B 86 15.92 -10.90 18.64
N GLY B 87 16.86 -11.74 19.06
CA GLY B 87 17.97 -12.08 18.20
C GLY B 87 18.08 -13.55 17.80
N ILE B 88 17.66 -14.44 18.71
CA ILE B 88 17.77 -15.89 18.47
C ILE B 88 17.10 -16.42 17.21
N LYS B 89 15.97 -15.84 16.80
CA LYS B 89 15.26 -16.27 15.60
C LYS B 89 16.04 -16.01 14.31
N PHE B 90 17.13 -15.25 14.41
CA PHE B 90 17.93 -14.94 13.23
C PHE B 90 19.29 -15.65 13.27
N GLY B 91 19.72 -16.05 14.46
CA GLY B 91 20.99 -16.74 14.62
C GLY B 91 21.36 -16.96 16.07
N GLU B 92 22.05 -18.07 16.36
CA GLU B 92 22.48 -18.39 17.73
C GLU B 92 23.45 -17.35 18.28
N LYS B 93 24.25 -16.76 17.40
CA LYS B 93 25.23 -15.74 17.77
C LYS B 93 24.58 -14.47 18.33
N PHE B 94 23.30 -14.26 18.05
CA PHE B 94 22.58 -13.07 18.51
C PHE B 94 21.65 -13.34 19.69
N ALA B 95 21.87 -14.45 20.39
CA ALA B 95 21.05 -14.81 21.54
C ALA B 95 21.16 -13.76 22.65
N GLY B 96 20.02 -13.38 23.21
CA GLY B 96 20.01 -12.41 24.29
C GLY B 96 19.75 -10.98 23.84
N GLU B 97 19.77 -10.74 22.54
CA GLU B 97 19.52 -9.40 21.98
C GLU B 97 18.07 -9.06 22.27
N ARG B 98 17.84 -7.85 22.78
CA ARG B 98 16.51 -7.42 23.17
C ARG B 98 15.80 -6.43 22.25
N ILE B 99 14.50 -6.25 22.48
CA ILE B 99 13.70 -5.27 21.76
C ILE B 99 14.12 -3.96 22.43
N PRO B 100 14.69 -3.06 21.64
CA PRO B 100 15.17 -1.77 22.16
C PRO B 100 14.01 -0.86 22.56
N THR B 101 14.25 0.02 23.52
CA THR B 101 13.53 1.28 23.60
C THR B 101 14.07 2.31 22.60
N LEU B 102 13.28 3.35 22.35
CA LEU B 102 13.72 4.44 21.48
C LEU B 102 14.90 5.19 22.10
N TYR B 103 14.88 5.35 23.42
CA TYR B 103 15.99 5.99 24.13
C TYR B 103 17.33 5.30 23.87
N GLU B 104 17.32 3.97 23.85
CA GLU B 104 18.54 3.19 23.61
C GLU B 104 19.16 3.50 22.24
N VAL B 105 18.30 3.74 21.25
CA VAL B 105 18.78 4.06 19.90
C VAL B 105 19.46 5.43 19.93
N PHE B 106 18.83 6.40 20.58
CA PHE B 106 19.39 7.75 20.69
C PHE B 106 20.71 7.69 21.50
N GLU B 107 20.75 6.86 22.53
CA GLU B 107 21.95 6.71 23.36
C GLU B 107 23.08 6.03 22.60
N LEU B 108 22.74 5.11 21.70
CA LEU B 108 23.74 4.42 20.89
C LEU B 108 24.42 5.40 19.93
N ILE B 109 23.62 6.24 19.28
CA ILE B 109 24.12 7.22 18.30
C ILE B 109 24.85 8.40 18.97
N GLY B 110 24.29 8.89 20.06
CA GLY B 110 24.90 10.01 20.76
C GLY B 110 24.85 11.30 19.94
N ASP B 111 25.99 11.98 19.86
CA ASP B 111 26.10 13.24 19.13
C ASP B 111 26.49 13.04 17.66
N LYS B 112 26.67 11.79 17.23
CA LYS B 112 27.07 11.51 15.86
C LYS B 112 26.06 11.95 14.80
N ASP B 113 26.56 12.43 13.67
CA ASP B 113 25.72 12.89 12.56
C ASP B 113 25.16 11.66 11.84
N PHE B 114 24.06 11.14 12.38
CA PHE B 114 23.44 9.92 11.87
C PHE B 114 21.92 10.11 11.84
N LEU B 115 21.34 9.95 10.66
CA LEU B 115 19.91 10.16 10.46
C LEU B 115 19.05 9.03 11.01
N VAL B 116 17.96 9.39 11.69
CA VAL B 116 17.06 8.41 12.25
C VAL B 116 15.65 8.59 11.67
N ASN B 117 15.31 7.75 10.69
CA ASN B 117 13.99 7.79 10.08
C ASN B 117 13.07 6.91 10.92
N ILE B 118 12.23 7.56 11.72
CA ILE B 118 11.30 6.88 12.61
C ILE B 118 9.90 6.76 12.01
N GLU B 119 9.44 5.53 11.82
CA GLU B 119 8.08 5.34 11.30
C GLU B 119 7.09 5.05 12.40
N ILE B 120 6.00 5.81 12.43
CA ILE B 120 4.92 5.57 13.39
C ILE B 120 3.99 4.59 12.66
N LYS B 121 3.67 3.47 13.31
CA LYS B 121 2.83 2.44 12.69
C LYS B 121 1.43 2.91 12.30
N SER B 122 0.82 2.20 11.35
CA SER B 122 -0.50 2.55 10.84
C SER B 122 -1.42 1.34 10.59
N GLY B 123 -1.20 0.27 11.35
CA GLY B 123 -2.01 -0.93 11.19
C GLY B 123 -3.31 -0.92 11.96
N ILE B 124 -3.79 -2.10 12.36
CA ILE B 124 -5.04 -2.21 13.09
C ILE B 124 -4.88 -1.70 14.53
N VAL B 125 -3.70 -1.86 15.08
CA VAL B 125 -3.42 -1.40 16.45
C VAL B 125 -3.26 0.12 16.47
N LEU B 126 -4.11 0.79 17.24
CA LEU B 126 -4.04 2.25 17.38
C LEU B 126 -3.13 2.59 18.56
N TYR B 127 -2.40 3.69 18.44
CA TYR B 127 -1.51 4.12 19.51
C TYR B 127 -1.82 5.55 19.95
N PRO B 128 -2.74 5.69 20.91
CA PRO B 128 -3.15 7.01 21.44
C PRO B 128 -1.96 7.70 22.11
N GLY B 129 -1.76 8.96 21.74
CA GLY B 129 -0.68 9.76 22.33
C GLY B 129 0.73 9.45 21.92
N ILE B 130 0.90 8.62 20.88
CA ILE B 130 2.24 8.26 20.44
C ILE B 130 2.99 9.44 19.83
N GLU B 131 2.26 10.33 19.15
CA GLU B 131 2.86 11.51 18.53
C GLU B 131 3.50 12.42 19.59
N GLU B 132 2.75 12.71 20.65
CA GLU B 132 3.23 13.56 21.75
C GLU B 132 4.44 12.93 22.44
N LYS B 133 4.37 11.63 22.67
CA LYS B 133 5.45 10.89 23.32
C LYS B 133 6.71 10.86 22.45
N LEU B 134 6.53 10.70 21.14
CA LEU B 134 7.66 10.67 20.21
C LEU B 134 8.34 12.04 20.14
N ILE B 135 7.53 13.10 20.06
CA ILE B 135 8.06 14.47 20.00
C ILE B 135 8.88 14.79 21.25
N LYS B 136 8.35 14.44 22.42
CA LYS B 136 9.04 14.70 23.68
C LYS B 136 10.37 13.96 23.77
N ALA B 137 10.39 12.71 23.32
CA ALA B 137 11.61 11.89 23.35
C ALA B 137 12.70 12.45 22.44
N ILE B 138 12.31 12.87 21.24
CA ILE B 138 13.24 13.43 20.26
C ILE B 138 13.87 14.72 20.82
N LYS B 139 13.02 15.57 21.41
CA LYS B 139 13.50 16.84 21.98
C LYS B 139 14.41 16.64 23.20
N GLU B 140 14.07 15.64 24.03
CA GLU B 140 14.86 15.34 25.22
C GLU B 140 16.31 14.95 24.89
N TYR B 141 16.50 14.24 23.78
CA TYR B 141 17.84 13.81 23.37
C TYR B 141 18.47 14.69 22.27
N ASN B 142 17.87 15.85 22.03
CA ASN B 142 18.36 16.80 21.03
C ASN B 142 18.50 16.20 19.63
N PHE B 143 17.52 15.40 19.23
CA PHE B 143 17.54 14.74 17.92
C PHE B 143 16.64 15.40 16.86
N GLU B 144 16.17 16.61 17.14
CA GLU B 144 15.28 17.32 16.23
C GLU B 144 15.76 17.40 14.78
N GLU B 145 17.04 17.68 14.58
CA GLU B 145 17.61 17.83 13.24
C GLU B 145 17.98 16.50 12.55
N ARG B 146 18.24 15.48 13.36
CA ARG B 146 18.66 14.19 12.83
C ARG B 146 17.55 13.17 12.60
N VAL B 147 16.31 13.60 12.80
CA VAL B 147 15.18 12.71 12.65
C VAL B 147 14.20 13.06 11.54
N ILE B 148 13.70 12.04 10.85
CA ILE B 148 12.64 12.24 9.87
C ILE B 148 11.53 11.31 10.37
N ILE B 149 10.38 11.88 10.70
CA ILE B 149 9.24 11.11 11.18
C ILE B 149 8.36 10.78 9.98
N SER B 150 8.23 9.48 9.69
CA SER B 150 7.41 9.04 8.57
C SER B 150 6.26 8.13 9.01
N SER B 151 5.31 7.93 8.11
CA SER B 151 4.16 7.07 8.36
C SER B 151 3.28 6.96 7.13
N PHE B 152 2.53 5.87 7.04
CA PHE B 152 1.59 5.70 5.93
C PHE B 152 0.32 6.44 6.35
N ASN B 153 0.20 6.74 7.64
CA ASN B 153 -0.95 7.50 8.16
C ASN B 153 -0.52 8.97 8.19
N HIS B 154 -0.87 9.71 7.14
CA HIS B 154 -0.49 11.11 7.03
C HIS B 154 -1.24 12.03 8.00
N TYR B 155 -2.33 11.53 8.60
CA TYR B 155 -3.09 12.28 9.59
C TYR B 155 -2.24 12.41 10.84
N SER B 156 -1.48 11.36 11.14
CA SER B 156 -0.60 11.33 12.30
C SER B 156 0.53 12.36 12.10
N LEU B 157 1.05 12.41 10.88
CA LEU B 157 2.13 13.33 10.54
C LEU B 157 1.63 14.78 10.56
N ARG B 158 0.35 14.98 10.25
CA ARG B 158 -0.26 16.31 10.27
C ARG B 158 -0.28 16.79 11.72
N ASP B 159 -0.59 15.87 12.65
CA ASP B 159 -0.62 16.19 14.07
C ASP B 159 0.79 16.51 14.57
N VAL B 160 1.78 15.73 14.11
CA VAL B 160 3.18 15.95 14.49
C VAL B 160 3.64 17.34 14.01
N LYS B 161 3.33 17.67 12.75
CA LYS B 161 3.70 18.96 12.17
C LYS B 161 3.02 20.12 12.90
N LYS B 162 1.77 19.92 13.33
CA LYS B 162 1.03 20.94 14.06
C LYS B 162 1.61 21.16 15.46
N MET B 163 1.99 20.07 16.13
CA MET B 163 2.53 20.15 17.49
C MET B 163 4.03 20.45 17.58
N ALA B 164 4.78 20.14 16.52
CA ALA B 164 6.22 20.40 16.49
C ALA B 164 6.61 20.70 15.02
N PRO B 165 6.37 21.93 14.57
CA PRO B 165 6.66 22.40 13.20
C PRO B 165 8.08 22.27 12.70
N HIS B 166 9.04 22.31 13.62
CA HIS B 166 10.45 22.23 13.26
C HIS B 166 10.92 20.83 12.90
N LEU B 167 10.16 19.81 13.30
CA LEU B 167 10.53 18.42 13.00
C LEU B 167 10.18 18.08 11.56
N LYS B 168 11.02 17.27 10.92
CA LYS B 168 10.81 16.88 9.53
C LYS B 168 9.87 15.68 9.41
N ILE B 169 8.90 15.77 8.51
CA ILE B 169 7.99 14.64 8.29
C ILE B 169 8.12 14.11 6.87
N GLY B 170 8.10 12.79 6.74
CA GLY B 170 8.21 12.13 5.45
C GLY B 170 6.96 11.33 5.17
N LEU B 171 6.35 11.53 4.00
CA LEU B 171 5.12 10.84 3.64
C LEU B 171 5.39 9.50 2.98
N LEU B 172 5.06 8.42 3.68
CA LEU B 172 5.25 7.07 3.15
C LEU B 172 4.04 6.69 2.32
N TYR B 173 4.28 6.07 1.17
CA TYR B 173 3.20 5.63 0.30
C TYR B 173 3.65 4.58 -0.70
N GLN B 174 2.73 3.68 -1.06
CA GLN B 174 3.01 2.64 -2.05
C GLN B 174 2.11 2.92 -3.26
N CYS B 175 1.04 3.67 -3.01
CA CYS B 175 0.09 4.06 -4.04
C CYS B 175 0.83 4.80 -5.20
N GLY B 176 0.45 4.52 -6.44
CA GLY B 176 1.10 5.14 -7.60
C GLY B 176 0.61 6.55 -7.86
N LEU B 177 0.96 7.46 -6.96
CA LEU B 177 0.50 8.85 -7.03
C LEU B 177 1.11 9.72 -8.12
N VAL B 178 0.25 10.48 -8.79
CA VAL B 178 0.66 11.40 -9.84
C VAL B 178 0.80 12.81 -9.25
N GLU B 179 1.95 13.43 -9.52
CA GLU B 179 2.29 14.77 -9.01
C GLU B 179 2.01 14.87 -7.50
N PRO B 180 2.61 13.96 -6.70
CA PRO B 180 2.41 14.00 -5.24
C PRO B 180 3.11 15.14 -4.50
N TRP B 181 3.97 15.88 -5.19
CA TRP B 181 4.68 16.98 -4.57
C TRP B 181 3.75 18.13 -4.13
N HIS B 182 2.58 18.24 -4.76
CA HIS B 182 1.61 19.28 -4.40
C HIS B 182 1.11 18.99 -2.99
N MET B 183 0.74 17.73 -2.76
CA MET B 183 0.26 17.27 -1.44
C MET B 183 1.36 17.47 -0.40
N ALA B 184 2.59 17.09 -0.76
CA ALA B 184 3.73 17.19 0.15
C ALA B 184 3.96 18.63 0.62
N LEU B 185 3.94 19.56 -0.32
CA LEU B 185 4.16 20.98 0.00
C LEU B 185 3.02 21.52 0.89
N ARG B 186 1.78 21.12 0.60
CA ARG B 186 0.64 21.58 1.38
C ARG B 186 0.70 21.07 2.83
N MET B 187 1.31 19.90 3.02
CA MET B 187 1.45 19.32 4.36
C MET B 187 2.75 19.76 5.03
N GLU B 188 3.54 20.57 4.30
CA GLU B 188 4.85 21.06 4.77
C GLU B 188 5.78 19.88 5.04
N ALA B 189 5.67 18.86 4.19
CA ALA B 189 6.50 17.66 4.33
C ALA B 189 7.91 17.88 3.82
N TYR B 190 8.88 17.33 4.53
CA TYR B 190 10.28 17.44 4.16
C TYR B 190 10.58 16.51 2.99
N SER B 191 9.95 15.34 3.00
CA SER B 191 10.22 14.32 1.99
C SER B 191 9.05 13.41 1.63
N LEU B 192 9.18 12.73 0.50
CA LEU B 192 8.20 11.73 0.07
C LEU B 192 9.00 10.43 0.13
N HIS B 193 8.38 9.40 0.71
CA HIS B 193 9.01 8.08 0.86
C HIS B 193 8.18 7.07 0.05
N PRO B 194 8.39 7.00 -1.27
CA PRO B 194 7.63 6.08 -2.11
C PRO B 194 8.20 4.68 -2.28
N PHE B 195 7.33 3.71 -2.52
CA PHE B 195 7.79 2.35 -2.81
C PHE B 195 8.61 2.57 -4.07
N TYR B 196 9.81 1.97 -4.13
CA TYR B 196 10.74 2.22 -5.21
C TYR B 196 10.30 2.09 -6.67
N PHE B 197 9.22 1.37 -6.90
CA PHE B 197 8.66 1.20 -8.22
C PHE B 197 8.20 2.56 -8.75
N ASN B 198 7.78 3.42 -7.83
CA ASN B 198 7.28 4.76 -8.18
C ASN B 198 8.35 5.74 -8.62
N ILE B 199 9.61 5.40 -8.39
CA ILE B 199 10.71 6.28 -8.77
C ILE B 199 10.90 6.28 -10.29
N ILE B 200 10.35 7.31 -10.93
CA ILE B 200 10.45 7.49 -12.37
C ILE B 200 10.88 8.94 -12.64
N PRO B 201 11.49 9.22 -13.81
CA PRO B 201 11.95 10.56 -14.16
C PRO B 201 10.99 11.70 -13.81
N GLU B 202 9.71 11.51 -14.14
CA GLU B 202 8.68 12.53 -13.89
C GLU B 202 8.56 12.89 -12.41
N LEU B 203 8.60 11.88 -11.54
CA LEU B 203 8.51 12.10 -10.09
C LEU B 203 9.76 12.78 -9.55
N VAL B 204 10.93 12.33 -10.00
CA VAL B 204 12.19 12.90 -9.55
C VAL B 204 12.30 14.38 -9.94
N GLU B 205 12.01 14.69 -11.20
CA GLU B 205 12.07 16.06 -11.71
C GLU B 205 11.08 16.98 -10.98
N GLY B 206 9.87 16.49 -10.77
CA GLY B 206 8.85 17.28 -10.08
C GLY B 206 9.19 17.59 -8.64
N CYS B 207 9.80 16.63 -7.95
CA CYS B 207 10.21 16.81 -6.57
C CYS B 207 11.44 17.73 -6.47
N LYS B 208 12.37 17.58 -7.42
CA LYS B 208 13.59 18.41 -7.42
C LYS B 208 13.24 19.89 -7.69
N LYS B 209 12.27 20.12 -8.57
CA LYS B 209 11.86 21.49 -8.90
C LYS B 209 11.08 22.15 -7.76
N ASN B 210 10.61 21.36 -6.80
CA ASN B 210 9.86 21.89 -5.68
C ASN B 210 10.55 21.74 -4.32
N GLY B 211 11.77 21.21 -4.35
CA GLY B 211 12.55 21.06 -3.12
C GLY B 211 12.06 19.98 -2.18
N VAL B 212 11.33 19.00 -2.71
CA VAL B 212 10.82 17.88 -1.91
C VAL B 212 11.79 16.70 -2.06
N LYS B 213 12.31 16.23 -0.93
CA LYS B 213 13.27 15.13 -0.93
C LYS B 213 12.60 13.79 -1.21
N LEU B 214 13.38 12.84 -1.73
CA LEU B 214 12.86 11.51 -2.05
C LEU B 214 13.68 10.41 -1.39
N PHE B 215 12.99 9.54 -0.64
CA PHE B 215 13.62 8.42 0.05
C PHE B 215 12.89 7.10 -0.28
N PRO B 216 13.19 6.50 -1.44
CA PRO B 216 12.56 5.25 -1.86
C PRO B 216 12.89 4.09 -0.94
N TRP B 217 11.98 3.13 -0.85
CA TRP B 217 12.21 1.89 -0.11
C TRP B 217 11.78 0.68 -0.90
N THR B 218 11.75 -0.48 -0.25
CA THR B 218 12.97 -1.14 0.20
C THR B 218 13.79 -1.64 -0.98
N VAL B 219 14.92 -0.98 -1.24
CA VAL B 219 15.83 -1.40 -2.32
C VAL B 219 16.94 -2.36 -1.92
N ASP B 220 16.75 -3.64 -2.25
CA ASP B 220 17.71 -4.69 -1.91
C ASP B 220 18.50 -5.29 -3.07
N ARG B 221 17.92 -5.28 -4.27
CA ARG B 221 18.59 -5.83 -5.44
C ARG B 221 19.58 -4.84 -6.03
N LYS B 222 20.76 -5.33 -6.43
CA LYS B 222 21.81 -4.51 -7.00
C LYS B 222 21.34 -3.65 -8.19
N GLU B 223 20.61 -4.26 -9.11
CA GLU B 223 20.10 -3.57 -10.30
C GLU B 223 19.23 -2.37 -9.92
N ASP B 224 18.36 -2.57 -8.92
CA ASP B 224 17.47 -1.51 -8.47
C ASP B 224 18.25 -0.42 -7.73
N MET B 225 19.30 -0.82 -6.99
CA MET B 225 20.15 0.13 -6.28
C MET B 225 20.82 1.07 -7.30
N GLU B 226 21.34 0.48 -8.38
CA GLU B 226 22.01 1.24 -9.43
C GLU B 226 21.06 2.23 -10.12
N ARG B 227 19.81 1.82 -10.31
CA ARG B 227 18.82 2.68 -10.95
C ARG B 227 18.43 3.83 -10.03
N MET B 228 18.34 3.57 -8.72
CA MET B 228 17.99 4.60 -7.75
C MET B 228 19.09 5.67 -7.66
N ILE B 229 20.35 5.23 -7.73
CA ILE B 229 21.50 6.14 -7.69
C ILE B 229 21.50 7.00 -8.96
N LYS B 230 21.25 6.36 -10.11
CA LYS B 230 21.22 7.07 -11.39
C LYS B 230 20.06 8.07 -11.42
N ALA B 231 18.92 7.67 -10.85
CA ALA B 231 17.73 8.53 -10.81
C ALA B 231 18.01 9.78 -9.98
N GLY B 232 18.99 9.68 -9.08
CA GLY B 232 19.37 10.82 -8.26
C GLY B 232 18.49 11.14 -7.06
N VAL B 233 17.97 10.11 -6.40
CA VAL B 233 17.15 10.33 -5.21
C VAL B 233 18.05 10.78 -4.07
N ASP B 234 17.45 11.44 -3.07
CA ASP B 234 18.19 11.97 -1.93
C ASP B 234 18.74 10.91 -0.99
N GLY B 235 17.99 9.81 -0.85
CA GLY B 235 18.43 8.73 0.01
C GLY B 235 17.74 7.43 -0.37
N ILE B 236 18.36 6.31 -0.04
CA ILE B 236 17.79 4.99 -0.33
C ILE B 236 17.68 4.16 0.95
N ILE B 237 16.48 3.63 1.21
CA ILE B 237 16.24 2.80 2.40
C ILE B 237 16.46 1.37 1.92
N THR B 238 17.42 0.69 2.55
CA THR B 238 17.80 -0.66 2.15
C THR B 238 18.11 -1.61 3.31
N ASP B 239 17.82 -2.89 3.10
CA ASP B 239 18.12 -3.92 4.11
C ASP B 239 19.59 -4.31 4.02
N ASP B 240 20.24 -3.91 2.94
CA ASP B 240 21.65 -4.23 2.68
C ASP B 240 22.52 -2.98 2.48
N PRO B 241 22.82 -2.24 3.56
CA PRO B 241 23.64 -1.04 3.44
C PRO B 241 25.04 -1.27 2.87
N GLU B 242 25.68 -2.37 3.24
CA GLU B 242 27.03 -2.67 2.75
C GLU B 242 27.16 -2.67 1.23
N THR B 243 26.25 -3.34 0.56
CA THR B 243 26.28 -3.42 -0.90
C THR B 243 26.01 -2.04 -1.52
N LEU B 244 25.04 -1.31 -0.96
CA LEU B 244 24.70 0.01 -1.49
C LEU B 244 25.83 1.02 -1.25
N ILE B 245 26.41 1.01 -0.05
CA ILE B 245 27.52 1.90 0.28
C ILE B 245 28.65 1.77 -0.74
N ASN B 246 29.03 0.54 -1.08
CA ASN B 246 30.09 0.30 -2.07
C ASN B 246 29.73 0.86 -3.46
N LEU B 247 28.46 0.78 -3.83
CA LEU B 247 28.01 1.31 -5.12
C LEU B 247 28.01 2.85 -5.09
N VAL B 248 27.49 3.43 -4.01
CA VAL B 248 27.43 4.89 -3.86
C VAL B 248 28.85 5.48 -3.81
N ARG B 249 29.76 4.79 -3.13
CA ARG B 249 31.15 5.24 -3.02
C ARG B 249 32.00 4.89 -4.25
N LYS B 250 31.39 4.15 -5.19
CA LYS B 250 32.04 3.71 -6.42
C LYS B 250 33.30 2.87 -6.16
N GLY B 251 33.23 2.03 -5.13
CA GLY B 251 34.35 1.17 -4.78
C GLY B 251 35.40 1.83 -3.92
N GLY B 252 35.18 3.10 -3.56
CA GLY B 252 36.13 3.84 -2.75
C GLY B 252 35.78 3.87 -1.27
#